data_1CQT
#
_entry.id   1CQT
#
_cell.length_a   93.722
_cell.length_b   93.722
_cell.length_c   152.651
_cell.angle_alpha   90.00
_cell.angle_beta   90.00
_cell.angle_gamma   90.00
#
_symmetry.space_group_name_H-M   'P 41 21 2'
#
loop_
_entity.id
_entity.type
_entity.pdbx_description
1 polymer "DNA (5'-D(*TP*GP*TP*AP*TP*GP*CP*AP*AP*AP*TP*AP*AP*GP*G)-3')"
2 polymer "DNA (5'-D(*AP*CP*CP*TP*TP*AP*TP*TP*TP*GP*CP*AP*TP*AP*C)-3')"
3 polymer 'POU DOMAIN, CLASS 2, TRANSCRIPTION FACTOR 1'
4 polymer 'POU DOMAIN, CLASS 2, ASSOCIATING FACTOR 1'
#
loop_
_entity_poly.entity_id
_entity_poly.type
_entity_poly.pdbx_seq_one_letter_code
_entity_poly.pdbx_strand_id
1 'polydeoxyribonucleotide' (DT)(DG)(DT)(DA)(DT)(DG)(DC)(DA)(DA)(DA)(DT)(DA)(DA)(DG)(DG) M,O
2 'polydeoxyribonucleotide' (DA)(DC)(DC)(DT)(DT)(DA)(DT)(DT)(DT)(DG)(DC)(DA)(DT)(DA)(DC) N,P
3 'polypeptide(L)'
;GSREEPSDLEELEQFAKTFKQRRIKLGFTQGDVGLAMGKLYGNDFSQTTISRFEALNLSFKNMCKLKPLLEKWLNDAENL
SSDSSLSSPSALNSPGIEGLSRRRKKRTSIETNIRVALEKSFLENQKPTSEEITMIADQLNMEKEVIRVWFCNRRQKEKR
INP
;
A,B
4 'polypeptide(L)' MLWQKPTAPEQAPAPARPYQGVRVKEPVKELLRRKRGHASSGAA I,J
#
loop_
_chem_comp.id
_chem_comp.type
_chem_comp.name
_chem_comp.formula
DA DNA linking 2'-DEOXYADENOSINE-5'-MONOPHOSPHATE 'C10 H14 N5 O6 P'
DC DNA linking 2'-DEOXYCYTIDINE-5'-MONOPHOSPHATE 'C9 H14 N3 O7 P'
DG DNA linking 2'-DEOXYGUANOSINE-5'-MONOPHOSPHATE 'C10 H14 N5 O7 P'
DT DNA linking THYMIDINE-5'-MONOPHOSPHATE 'C10 H15 N2 O8 P'
#
# COMPACT_ATOMS: atom_id res chain seq x y z
N GLU E 5 31.84 6.23 38.34
CA GLU E 5 30.92 5.27 37.73
C GLU E 5 29.48 5.61 38.12
N PRO E 6 28.50 5.22 37.27
CA PRO E 6 27.07 5.46 37.49
C PRO E 6 26.58 4.89 38.82
N SER E 7 25.77 5.68 39.53
CA SER E 7 25.22 5.30 40.84
C SER E 7 24.42 3.99 40.84
N ASP E 8 23.96 3.60 42.03
CA ASP E 8 23.15 2.39 42.18
C ASP E 8 21.70 2.81 42.41
N LEU E 9 20.79 1.85 42.42
CA LEU E 9 19.37 2.09 42.63
C LEU E 9 19.06 3.07 43.75
N GLU E 10 19.61 2.76 44.92
CA GLU E 10 19.42 3.56 46.14
C GLU E 10 19.76 5.04 46.00
N GLU E 11 20.43 5.39 44.90
CA GLU E 11 20.81 6.78 44.65
C GLU E 11 20.02 7.43 43.52
N LEU E 12 19.46 6.61 42.62
CA LEU E 12 18.68 7.13 41.49
C LEU E 12 17.34 7.77 41.85
N GLU E 13 16.55 7.11 42.68
CA GLU E 13 15.25 7.64 43.10
C GLU E 13 15.42 8.92 43.92
N GLN E 14 16.61 9.07 44.50
CA GLN E 14 16.94 10.25 45.31
C GLN E 14 17.10 11.46 44.40
N PHE E 15 17.88 11.27 43.34
CA PHE E 15 18.15 12.31 42.36
C PHE E 15 16.83 12.70 41.70
N ALA E 16 15.89 11.75 41.69
CA ALA E 16 14.57 11.95 41.09
C ALA E 16 13.76 13.11 41.67
N LYS E 17 13.59 13.12 42.99
CA LYS E 17 12.83 14.20 43.63
C LYS E 17 13.67 15.46 43.74
N THR E 18 14.99 15.27 43.80
CA THR E 18 15.93 16.39 43.89
C THR E 18 15.77 17.24 42.63
N PHE E 19 15.73 16.55 41.49
CA PHE E 19 15.59 17.20 40.20
C PHE E 19 14.22 17.84 40.02
N LYS E 20 13.17 17.19 40.52
CA LYS E 20 11.81 17.69 40.39
C LYS E 20 11.59 18.98 41.20
N GLN E 21 11.98 18.94 42.47
CA GLN E 21 11.85 20.10 43.36
C GLN E 21 12.75 21.23 42.91
N ARG E 22 14.04 20.92 42.73
CA ARG E 22 15.03 21.90 42.30
C ARG E 22 14.79 22.39 40.86
N ARG E 23 13.83 21.76 40.16
CA ARG E 23 13.50 22.14 38.78
C ARG E 23 12.52 23.29 38.73
N ILE E 24 11.46 23.18 39.54
CA ILE E 24 10.45 24.23 39.57
C ILE E 24 10.93 25.41 40.43
N LYS E 25 12.11 25.25 41.02
CA LYS E 25 12.71 26.30 41.85
C LYS E 25 13.21 27.42 40.94
N LEU E 26 13.90 27.03 39.88
CA LEU E 26 14.41 27.99 38.90
C LEU E 26 13.40 28.23 37.78
N GLY E 27 12.15 27.84 38.04
CA GLY E 27 11.07 28.03 37.07
C GLY E 27 11.34 27.55 35.67
N PHE E 28 11.35 26.23 35.48
CA PHE E 28 11.61 25.65 34.16
C PHE E 28 10.88 24.33 33.96
N THR E 29 9.92 24.33 33.05
CA THR E 29 9.15 23.12 32.74
C THR E 29 10.11 22.08 32.17
N GLN E 30 9.68 20.81 32.20
CA GLN E 30 10.51 19.74 31.67
C GLN E 30 10.73 19.93 30.18
N GLY E 31 9.75 20.55 29.52
CA GLY E 31 9.86 20.81 28.09
C GLY E 31 10.96 21.80 27.78
N ASP E 32 11.12 22.78 28.67
CA ASP E 32 12.16 23.80 28.52
C ASP E 32 13.53 23.24 28.85
N VAL E 33 13.57 22.33 29.83
CA VAL E 33 14.82 21.70 30.22
C VAL E 33 15.32 20.87 29.04
N GLY E 34 14.39 20.50 28.17
CA GLY E 34 14.71 19.73 26.98
C GLY E 34 15.52 20.55 25.98
N LEU E 35 14.94 21.65 25.50
CA LEU E 35 15.63 22.52 24.56
C LEU E 35 16.80 23.22 25.25
N ALA E 36 16.89 23.07 26.56
CA ALA E 36 17.96 23.66 27.37
C ALA E 36 19.29 22.92 27.14
N MET E 37 19.23 21.60 27.16
CA MET E 37 20.41 20.77 26.93
C MET E 37 20.72 20.70 25.44
N GLY E 38 19.85 21.32 24.64
CA GLY E 38 20.04 21.36 23.21
C GLY E 38 21.19 22.31 23.00
N LYS E 39 21.04 23.53 23.51
CA LYS E 39 22.08 24.57 23.42
C LYS E 39 23.19 24.32 24.42
N LEU E 40 23.26 23.07 24.91
CA LEU E 40 24.35 22.68 25.83
C LEU E 40 25.14 21.41 25.42
N TYR E 41 24.65 20.64 24.44
CA TYR E 41 25.32 19.36 24.09
C TYR E 41 25.53 19.00 22.61
N GLY E 42 24.74 19.61 21.73
CA GLY E 42 24.87 19.31 20.32
C GLY E 42 23.53 18.91 19.75
N ASN E 43 22.71 18.34 20.63
CA ASN E 43 21.37 17.90 20.32
C ASN E 43 20.60 17.96 21.63
N ASP E 44 19.44 17.32 21.70
CA ASP E 44 18.68 17.36 22.93
C ASP E 44 17.79 16.16 23.20
N PHE E 45 16.93 16.32 24.20
CA PHE E 45 15.99 15.30 24.60
C PHE E 45 14.66 15.97 24.90
N SER E 46 13.62 15.47 24.26
CA SER E 46 12.26 15.97 24.37
C SER E 46 11.70 16.07 25.78
N GLN E 47 10.49 16.63 25.86
CA GLN E 47 9.77 16.80 27.11
C GLN E 47 9.41 15.43 27.68
N THR E 48 9.15 14.48 26.77
CA THR E 48 8.79 13.13 27.13
C THR E 48 9.93 12.44 27.85
N THR E 49 11.10 12.47 27.22
CA THR E 49 12.29 11.85 27.80
C THR E 49 12.52 12.40 29.19
N ILE E 50 12.52 13.72 29.34
CA ILE E 50 12.73 14.34 30.63
C ILE E 50 11.62 13.95 31.62
N SER E 51 10.39 13.80 31.13
CA SER E 51 9.27 13.40 31.98
C SER E 51 9.60 12.04 32.60
N ARG E 52 9.87 11.08 31.72
CA ARG E 52 10.21 9.72 32.09
C ARG E 52 11.37 9.62 33.08
N PHE E 53 12.23 10.63 33.09
CA PHE E 53 13.36 10.62 34.03
C PHE E 53 12.78 10.84 35.42
N GLU E 54 11.91 11.84 35.51
CA GLU E 54 11.26 12.22 36.76
C GLU E 54 10.50 11.06 37.41
N ALA E 55 9.62 10.43 36.64
CA ALA E 55 8.83 9.31 37.12
C ALA E 55 9.60 7.99 37.15
N LEU E 56 10.90 8.07 36.86
CA LEU E 56 11.78 6.89 36.85
C LEU E 56 11.31 5.82 35.87
N ASN E 57 10.78 6.27 34.74
CA ASN E 57 10.30 5.37 33.69
C ASN E 57 11.38 5.18 32.63
N LEU E 58 12.49 4.57 33.03
CA LEU E 58 13.61 4.31 32.13
C LEU E 58 14.45 3.18 32.69
N SER E 59 15.12 2.45 31.79
CA SER E 59 15.96 1.33 32.20
C SER E 59 17.10 1.82 33.07
N PHE E 60 17.93 0.88 33.51
CA PHE E 60 19.08 1.19 34.35
C PHE E 60 20.02 2.08 33.55
N LYS E 61 20.49 1.56 32.42
CA LYS E 61 21.41 2.27 31.54
C LYS E 61 20.87 3.61 31.02
N ASN E 62 19.67 3.60 30.44
CA ASN E 62 19.08 4.82 29.88
C ASN E 62 18.95 5.96 30.87
N MET E 63 18.98 5.64 32.16
CA MET E 63 18.89 6.68 33.19
C MET E 63 20.26 6.97 33.77
N CYS E 64 21.15 5.99 33.72
CA CYS E 64 22.51 6.16 34.21
C CYS E 64 23.34 6.95 33.22
N LYS E 65 22.90 6.98 31.97
CA LYS E 65 23.58 7.72 30.90
C LYS E 65 23.07 9.16 30.96
N LEU E 66 21.99 9.38 31.71
CA LEU E 66 21.42 10.71 31.79
C LEU E 66 21.64 11.48 33.09
N LYS E 67 21.70 10.79 34.22
CA LYS E 67 21.91 11.46 35.52
C LYS E 67 23.02 12.52 35.49
N PRO E 68 24.22 12.13 34.99
CA PRO E 68 25.37 13.04 34.91
C PRO E 68 25.16 14.27 34.01
N LEU E 69 24.50 14.08 32.88
CA LEU E 69 24.23 15.15 31.94
C LEU E 69 23.16 16.11 32.45
N LEU E 70 22.21 15.56 33.19
CA LEU E 70 21.12 16.33 33.76
C LEU E 70 21.64 17.19 34.91
N GLU E 71 22.52 16.60 35.72
CA GLU E 71 23.10 17.30 36.87
C GLU E 71 24.04 18.43 36.48
N LYS E 72 24.64 18.35 35.30
CA LYS E 72 25.56 19.39 34.86
C LYS E 72 24.72 20.64 34.64
N TRP E 73 23.66 20.49 33.87
CA TRP E 73 22.73 21.57 33.55
C TRP E 73 22.12 22.20 34.80
N LEU E 74 21.83 21.38 35.81
CA LEU E 74 21.24 21.89 37.04
C LEU E 74 22.28 22.46 38.01
N ASN E 75 23.42 21.79 38.11
CA ASN E 75 24.52 22.21 38.97
C ASN E 75 24.87 23.63 38.53
N ASP E 76 25.57 23.73 37.41
CA ASP E 76 25.96 25.01 36.85
C ASP E 76 24.95 25.37 35.78
N ALA E 77 24.97 26.63 35.34
CA ALA E 77 24.07 27.11 34.31
C ALA E 77 24.60 26.70 32.93
N GLU E 78 24.47 27.60 31.96
CA GLU E 78 24.92 27.35 30.59
C GLU E 78 25.05 28.67 29.84
N ARG E 104 20.74 12.43 16.26
CA ARG E 104 19.47 11.69 16.03
C ARG E 104 18.55 12.39 15.04
N LYS E 105 18.02 11.62 14.11
CA LYS E 105 17.12 12.13 13.07
C LYS E 105 15.75 12.44 13.67
N LYS E 106 15.24 13.63 13.37
CA LYS E 106 13.91 14.02 13.86
C LYS E 106 12.91 12.99 13.36
N ARG E 107 12.19 12.38 14.30
CA ARG E 107 11.19 11.35 14.02
C ARG E 107 10.26 11.62 12.82
N THR E 108 10.15 10.63 11.93
CA THR E 108 9.29 10.75 10.75
C THR E 108 7.89 10.31 11.09
N SER E 109 6.91 11.20 10.91
CA SER E 109 5.52 10.86 11.20
C SER E 109 4.80 10.62 9.88
N ILE E 110 4.47 9.35 9.63
CA ILE E 110 3.81 8.96 8.40
C ILE E 110 2.34 9.35 8.36
N GLU E 111 1.95 9.99 7.27
CA GLU E 111 0.56 10.39 7.09
C GLU E 111 -0.27 9.12 7.03
N THR E 112 -1.44 9.15 7.68
CA THR E 112 -2.33 7.98 7.71
C THR E 112 -2.62 7.32 6.36
N ASN E 113 -2.43 8.05 5.27
CA ASN E 113 -2.70 7.50 3.95
C ASN E 113 -1.54 6.62 3.44
N ILE E 114 -0.36 6.82 4.01
CA ILE E 114 0.80 6.03 3.64
C ILE E 114 0.95 4.90 4.65
N ARG E 115 0.31 5.06 5.81
CA ARG E 115 0.34 4.03 6.85
C ARG E 115 -0.61 2.90 6.46
N VAL E 116 -1.70 3.26 5.79
CA VAL E 116 -2.67 2.29 5.33
C VAL E 116 -2.17 1.63 4.05
N ALA E 117 -1.59 2.44 3.17
CA ALA E 117 -1.04 1.96 1.91
C ALA E 117 0.02 0.89 2.17
N LEU E 118 0.89 1.17 3.14
CA LEU E 118 1.98 0.27 3.51
C LEU E 118 1.47 -0.99 4.18
N GLU E 119 0.44 -0.85 5.01
CA GLU E 119 -0.15 -1.98 5.70
C GLU E 119 -0.56 -3.04 4.69
N LYS E 120 -1.02 -2.58 3.53
CA LYS E 120 -1.45 -3.46 2.44
C LYS E 120 -0.30 -4.28 1.84
N SER E 121 0.80 -3.61 1.52
CA SER E 121 1.96 -4.28 0.94
C SER E 121 2.57 -5.28 1.93
N PHE E 122 2.35 -5.02 3.21
CA PHE E 122 2.83 -5.88 4.28
C PHE E 122 1.93 -7.12 4.19
N LEU E 123 0.64 -6.84 4.01
CA LEU E 123 -0.41 -7.86 3.87
C LEU E 123 -0.21 -8.70 2.62
N GLU E 124 0.71 -8.29 1.76
CA GLU E 124 0.99 -9.01 0.54
C GLU E 124 2.27 -9.80 0.76
N ASN E 125 3.22 -9.17 1.43
CA ASN E 125 4.53 -9.77 1.72
C ASN E 125 5.15 -9.04 2.90
N GLN E 126 5.37 -9.76 4.00
CA GLN E 126 5.94 -9.21 5.22
C GLN E 126 7.45 -8.89 5.17
N LYS E 127 8.14 -9.38 4.14
CA LYS E 127 9.58 -9.15 4.05
C LYS E 127 10.04 -9.03 2.60
N PRO E 128 9.91 -7.82 2.03
CA PRO E 128 10.30 -7.52 0.65
C PRO E 128 11.81 -7.35 0.56
N THR E 129 12.36 -7.71 -0.59
CA THR E 129 13.80 -7.59 -0.82
C THR E 129 14.19 -6.12 -0.91
N SER E 130 15.46 -5.81 -0.63
CA SER E 130 15.96 -4.44 -0.69
C SER E 130 15.68 -3.81 -2.06
N GLU E 131 15.32 -4.65 -3.02
CA GLU E 131 14.98 -4.22 -4.36
C GLU E 131 13.53 -3.78 -4.35
N GLU E 132 12.64 -4.71 -4.00
CA GLU E 132 11.20 -4.43 -3.92
C GLU E 132 11.01 -3.17 -3.09
N ILE E 133 11.64 -3.17 -1.91
CA ILE E 133 11.60 -2.04 -0.99
C ILE E 133 11.94 -0.74 -1.72
N THR E 134 12.99 -0.74 -2.53
CA THR E 134 13.33 0.47 -3.27
C THR E 134 12.15 0.80 -4.18
N MET E 135 11.69 -0.21 -4.91
CA MET E 135 10.58 -0.07 -5.86
C MET E 135 9.25 0.31 -5.21
N ILE E 136 9.20 0.28 -3.88
CA ILE E 136 7.96 0.66 -3.19
C ILE E 136 8.07 2.10 -2.74
N ALA E 137 9.21 2.44 -2.14
CA ALA E 137 9.48 3.79 -1.66
C ALA E 137 9.34 4.76 -2.82
N ASP E 138 10.00 4.44 -3.93
CA ASP E 138 9.95 5.25 -5.14
C ASP E 138 8.51 5.28 -5.66
N GLN E 139 7.88 4.10 -5.73
CA GLN E 139 6.51 3.97 -6.20
C GLN E 139 5.53 4.79 -5.35
N LEU E 140 6.01 5.28 -4.21
CA LEU E 140 5.16 6.05 -3.31
C LEU E 140 5.76 7.40 -2.89
N ASN E 141 6.92 7.74 -3.46
CA ASN E 141 7.60 8.99 -3.15
C ASN E 141 7.88 9.05 -1.65
N MET E 142 8.74 8.15 -1.20
CA MET E 142 9.12 8.04 0.20
C MET E 142 10.61 7.72 0.29
N GLU E 143 11.30 8.32 1.27
CA GLU E 143 12.73 8.08 1.44
C GLU E 143 12.93 6.57 1.58
N LYS E 144 13.78 6.01 0.74
CA LYS E 144 14.04 4.58 0.75
C LYS E 144 14.28 4.03 2.15
N GLU E 145 15.12 4.71 2.92
CA GLU E 145 15.43 4.26 4.28
C GLU E 145 14.21 4.06 5.16
N VAL E 146 13.46 5.14 5.38
CA VAL E 146 12.25 5.13 6.21
C VAL E 146 11.36 3.90 5.97
N ILE E 147 11.33 3.44 4.73
CA ILE E 147 10.56 2.28 4.35
C ILE E 147 11.25 0.99 4.81
N ARG E 148 12.56 0.88 4.52
CA ARG E 148 13.32 -0.30 4.93
C ARG E 148 13.11 -0.48 6.41
N VAL E 149 13.03 0.64 7.12
CA VAL E 149 12.82 0.62 8.55
C VAL E 149 11.36 0.32 8.90
N TRP E 150 10.42 0.93 8.17
CA TRP E 150 9.00 0.72 8.46
C TRP E 150 8.62 -0.74 8.54
N PHE E 151 9.16 -1.53 7.62
CA PHE E 151 8.88 -2.96 7.60
C PHE E 151 9.54 -3.66 8.77
N CYS E 152 10.72 -3.20 9.15
CA CYS E 152 11.43 -3.80 10.26
C CYS E 152 10.62 -3.68 11.54
N ASN E 153 10.37 -2.45 11.97
CA ASN E 153 9.58 -2.19 13.18
C ASN E 153 8.25 -2.91 13.13
N ARG E 154 7.67 -2.96 11.93
CA ARG E 154 6.38 -3.60 11.70
C ARG E 154 6.45 -5.11 11.92
N ARG E 155 7.47 -5.76 11.34
CA ARG E 155 7.65 -7.20 11.48
C ARG E 155 7.75 -7.49 12.97
N GLN E 156 8.55 -6.68 13.66
CA GLN E 156 8.73 -6.82 15.11
C GLN E 156 7.39 -6.63 15.79
N LYS E 157 6.59 -5.69 15.27
CA LYS E 157 5.27 -5.42 15.83
C LYS E 157 4.45 -6.70 15.78
N GLU E 158 4.37 -7.31 14.60
CA GLU E 158 3.64 -8.56 14.43
C GLU E 158 3.98 -9.53 15.55
N LYS E 159 5.27 -9.84 15.64
CA LYS E 159 5.80 -10.75 16.64
C LYS E 159 5.31 -10.45 18.05
N ARG E 160 5.06 -9.17 18.33
CA ARG E 160 4.56 -8.75 19.64
C ARG E 160 3.05 -8.92 19.71
N ILE E 161 2.37 -8.38 18.71
CA ILE E 161 0.92 -8.42 18.60
C ILE E 161 0.37 -9.84 18.43
N ASN E 162 0.47 -10.39 17.23
CA ASN E 162 -0.01 -11.75 17.04
C ASN E 162 1.12 -12.73 16.77
N PRO E 163 1.42 -13.57 17.78
CA PRO E 163 2.47 -14.61 17.80
C PRO E 163 2.08 -15.83 16.98
N ASP F 8 -27.66 -23.26 -28.88
CA ASP F 8 -27.51 -22.48 -27.62
C ASP F 8 -27.09 -23.24 -26.36
N LEU F 9 -26.70 -24.52 -26.45
CA LEU F 9 -26.31 -25.29 -25.24
C LEU F 9 -24.79 -25.45 -25.08
N GLU F 10 -24.22 -26.26 -25.95
CA GLU F 10 -22.79 -26.52 -25.97
C GLU F 10 -22.36 -26.81 -27.39
N GLU F 11 -23.29 -26.58 -28.31
CA GLU F 11 -23.01 -26.72 -29.72
C GLU F 11 -22.25 -25.43 -30.02
N LEU F 12 -22.18 -24.60 -28.98
CA LEU F 12 -21.47 -23.34 -28.93
C LEU F 12 -19.97 -23.69 -29.03
N GLU F 13 -19.63 -24.91 -28.62
CA GLU F 13 -18.25 -25.40 -28.66
C GLU F 13 -17.96 -25.92 -30.06
N GLN F 14 -18.91 -26.69 -30.57
CA GLN F 14 -18.80 -27.29 -31.90
C GLN F 14 -18.65 -26.21 -32.97
N PHE F 15 -19.46 -25.17 -32.85
CA PHE F 15 -19.45 -24.06 -33.79
C PHE F 15 -18.12 -23.27 -33.72
N ALA F 16 -17.62 -23.04 -32.51
CA ALA F 16 -16.36 -22.32 -32.34
C ALA F 16 -15.17 -23.16 -32.80
N LYS F 17 -15.44 -24.43 -33.08
CA LYS F 17 -14.45 -25.39 -33.56
C LYS F 17 -14.42 -25.30 -35.07
N THR F 18 -15.61 -25.38 -35.66
CA THR F 18 -15.77 -25.31 -37.11
C THR F 18 -15.56 -23.91 -37.65
N PHE F 19 -15.91 -22.90 -36.86
CA PHE F 19 -15.76 -21.51 -37.27
C PHE F 19 -14.31 -21.22 -37.59
N LYS F 20 -13.43 -21.55 -36.65
CA LYS F 20 -12.00 -21.36 -36.83
C LYS F 20 -11.62 -22.28 -38.00
N GLN F 21 -11.90 -23.56 -37.81
CA GLN F 21 -11.63 -24.61 -38.78
C GLN F 21 -11.95 -24.24 -40.23
N ARG F 22 -13.09 -23.60 -40.43
CA ARG F 22 -13.53 -23.19 -41.76
C ARG F 22 -12.86 -21.92 -42.26
N ARG F 23 -12.72 -20.91 -41.40
CA ARG F 23 -12.10 -19.66 -41.80
C ARG F 23 -10.62 -19.85 -42.16
N ILE F 24 -10.06 -20.99 -41.75
CA ILE F 24 -8.67 -21.32 -42.05
C ILE F 24 -8.64 -21.88 -43.47
N LYS F 25 -9.63 -22.69 -43.80
CA LYS F 25 -9.74 -23.30 -45.12
C LYS F 25 -10.02 -22.21 -46.15
N LEU F 26 -10.48 -21.05 -45.67
CA LEU F 26 -10.78 -19.91 -46.53
C LEU F 26 -9.60 -18.94 -46.63
N GLY F 27 -8.66 -19.05 -45.68
CA GLY F 27 -7.48 -18.20 -45.69
C GLY F 27 -7.60 -16.83 -45.03
N PHE F 28 -8.45 -16.72 -44.02
CA PHE F 28 -8.64 -15.46 -43.30
C PHE F 28 -8.00 -15.48 -41.92
N THR F 29 -7.30 -14.41 -41.58
CA THR F 29 -6.64 -14.32 -40.27
C THR F 29 -7.73 -14.12 -39.21
N GLN F 30 -7.37 -13.45 -38.12
CA GLN F 30 -8.31 -13.17 -37.06
C GLN F 30 -8.49 -11.65 -37.00
N GLY F 31 -7.53 -10.95 -37.59
CA GLY F 31 -7.55 -9.50 -37.62
C GLY F 31 -8.47 -8.95 -38.70
N ASP F 32 -8.38 -9.51 -39.90
CA ASP F 32 -9.22 -9.06 -41.00
C ASP F 32 -10.71 -9.34 -40.76
N VAL F 33 -10.99 -10.46 -40.10
CA VAL F 33 -12.38 -10.83 -39.79
C VAL F 33 -13.01 -9.75 -38.91
N GLY F 34 -12.17 -9.08 -38.11
CA GLY F 34 -12.66 -8.04 -37.24
C GLY F 34 -13.15 -6.83 -38.01
N LEU F 35 -12.51 -6.56 -39.14
CA LEU F 35 -12.89 -5.46 -40.00
C LEU F 35 -14.16 -5.83 -40.76
N ALA F 36 -14.32 -7.12 -41.02
CA ALA F 36 -15.49 -7.64 -41.73
C ALA F 36 -16.75 -7.48 -40.90
N MET F 37 -16.62 -7.55 -39.57
CA MET F 37 -17.75 -7.40 -38.66
C MET F 37 -18.22 -5.95 -38.59
N GLY F 38 -17.37 -5.03 -39.04
CA GLY F 38 -17.71 -3.61 -39.01
C GLY F 38 -18.00 -3.04 -40.39
N LYS F 39 -18.00 -3.88 -41.41
CA LYS F 39 -18.26 -3.45 -42.78
C LYS F 39 -19.14 -4.45 -43.52
N LEU F 40 -19.71 -5.39 -42.77
CA LEU F 40 -20.61 -6.41 -43.30
C LEU F 40 -21.62 -6.73 -42.21
N TYR F 41 -21.68 -5.84 -41.22
CA TYR F 41 -22.57 -5.94 -40.05
C TYR F 41 -22.66 -4.61 -39.32
N ASN F 43 -20.74 -3.29 -35.37
CA ASN F 43 -19.50 -2.63 -34.97
C ASN F 43 -18.30 -3.55 -35.26
N ASP F 44 -17.10 -3.02 -35.07
CA ASP F 44 -15.87 -3.78 -35.31
C ASP F 44 -15.40 -4.56 -34.08
N PHE F 45 -14.81 -5.73 -34.31
CA PHE F 45 -14.32 -6.58 -33.24
C PHE F 45 -12.89 -7.04 -33.52
N SER F 46 -11.97 -6.61 -32.66
CA SER F 46 -10.55 -6.93 -32.80
C SER F 46 -10.18 -8.41 -32.76
N GLN F 47 -8.93 -8.67 -33.10
CA GLN F 47 -8.40 -10.03 -33.09
C GLN F 47 -8.61 -10.62 -31.70
N THR F 48 -8.63 -9.76 -30.69
CA THR F 48 -8.83 -10.16 -29.31
C THR F 48 -10.05 -11.09 -29.23
N THR F 49 -11.23 -10.50 -29.37
CA THR F 49 -12.49 -11.25 -29.30
C THR F 49 -12.59 -12.38 -30.33
N ILE F 50 -11.91 -12.23 -31.47
CA ILE F 50 -11.95 -13.27 -32.48
C ILE F 50 -11.20 -14.51 -31.98
N SER F 51 -10.08 -14.29 -31.32
CA SER F 51 -9.29 -15.38 -30.77
C SER F 51 -10.00 -16.05 -29.61
N ARG F 52 -10.58 -15.21 -28.74
CA ARG F 52 -11.31 -15.70 -27.57
C ARG F 52 -12.48 -16.59 -27.95
N PHE F 53 -13.22 -16.19 -28.98
CA PHE F 53 -14.36 -16.96 -29.44
C PHE F 53 -13.93 -18.35 -29.91
N GLU F 54 -12.75 -18.42 -30.52
CA GLU F 54 -12.23 -19.70 -31.01
C GLU F 54 -11.61 -20.48 -29.87
N ALA F 55 -11.21 -19.77 -28.82
CA ALA F 55 -10.59 -20.37 -27.65
C ALA F 55 -11.60 -20.67 -26.52
N LEU F 56 -12.83 -20.16 -26.67
CA LEU F 56 -13.91 -20.36 -25.69
C LEU F 56 -13.79 -19.55 -24.39
N ASN F 57 -13.00 -18.48 -24.42
CA ASN F 57 -12.75 -17.62 -23.25
C ASN F 57 -13.82 -16.55 -23.00
N LEU F 58 -14.96 -16.66 -23.66
CA LEU F 58 -16.01 -15.67 -23.50
C LEU F 58 -17.18 -16.18 -22.68
N SER F 59 -17.78 -15.28 -21.90
CA SER F 59 -18.91 -15.61 -21.05
C SER F 59 -19.99 -16.29 -21.86
N PHE F 60 -20.98 -16.87 -21.18
CA PHE F 60 -22.04 -17.54 -21.90
C PHE F 60 -22.76 -16.54 -22.79
N LYS F 61 -23.29 -15.50 -22.16
CA LYS F 61 -24.01 -14.45 -22.88
C LYS F 61 -23.16 -13.94 -24.05
N ASN F 62 -21.96 -13.46 -23.74
CA ASN F 62 -21.05 -12.93 -24.75
C ASN F 62 -20.86 -13.86 -25.94
N MET F 63 -20.59 -15.13 -25.69
CA MET F 63 -20.37 -16.07 -26.79
C MET F 63 -21.60 -16.31 -27.65
N CYS F 64 -22.78 -16.33 -27.02
CA CYS F 64 -24.03 -16.54 -27.75
C CYS F 64 -24.40 -15.34 -28.62
N LYS F 65 -24.01 -14.16 -28.16
CA LYS F 65 -24.29 -12.91 -28.87
C LYS F 65 -23.59 -12.87 -30.22
N LEU F 66 -22.32 -13.26 -30.22
CA LEU F 66 -21.51 -13.26 -31.43
C LEU F 66 -21.83 -14.43 -32.34
N LYS F 67 -22.43 -15.47 -31.79
CA LYS F 67 -22.78 -16.67 -32.56
C LYS F 67 -23.47 -16.39 -33.88
N PRO F 68 -24.58 -15.61 -33.88
CA PRO F 68 -25.29 -15.31 -35.13
C PRO F 68 -24.48 -14.45 -36.10
N LEU F 69 -23.84 -13.42 -35.57
CA LEU F 69 -23.02 -12.50 -36.37
C LEU F 69 -21.89 -13.23 -37.08
N LEU F 70 -21.17 -14.04 -36.31
CA LEU F 70 -20.04 -14.80 -36.83
C LEU F 70 -20.53 -15.84 -37.80
N GLU F 71 -21.72 -16.40 -37.51
CA GLU F 71 -22.32 -17.40 -38.38
C GLU F 71 -22.54 -16.81 -39.77
N LYS F 72 -23.06 -15.58 -39.81
CA LYS F 72 -23.33 -14.93 -41.09
C LYS F 72 -22.10 -14.64 -41.94
N TRP F 73 -21.01 -14.20 -41.31
CA TRP F 73 -19.80 -13.94 -42.07
C TRP F 73 -19.29 -15.22 -42.71
N LEU F 74 -19.23 -16.28 -41.91
CA LEU F 74 -18.76 -17.58 -42.35
C LEU F 74 -19.60 -18.14 -43.50
N ASN F 75 -20.92 -18.10 -43.31
CA ASN F 75 -21.86 -18.61 -44.31
C ASN F 75 -22.04 -17.64 -45.49
N ASP F 76 -21.46 -16.44 -45.36
CA ASP F 76 -21.51 -15.43 -46.40
C ASP F 76 -20.42 -15.72 -47.43
N ALA F 77 -19.24 -16.09 -46.94
CA ALA F 77 -18.10 -16.42 -47.79
C ALA F 77 -18.47 -17.58 -48.72
N GLU F 78 -19.03 -17.21 -49.87
CA GLU F 78 -19.47 -18.16 -50.90
C GLU F 78 -18.34 -18.57 -51.83
N ARG F 104 -16.42 1.73 -31.68
CA ARG F 104 -16.84 2.88 -30.81
C ARG F 104 -15.64 3.66 -30.30
N LYS F 105 -15.88 4.55 -29.34
CA LYS F 105 -14.83 5.37 -28.73
C LYS F 105 -13.61 4.51 -28.38
N LYS F 106 -12.60 4.58 -29.23
CA LYS F 106 -11.36 3.81 -29.07
C LYS F 106 -10.78 3.84 -27.69
N ARG F 107 -10.20 2.70 -27.30
CA ARG F 107 -9.57 2.59 -26.00
C ARG F 107 -8.37 3.51 -26.04
N THR F 108 -8.50 4.65 -25.36
CA THR F 108 -7.44 5.66 -25.32
C THR F 108 -6.30 5.22 -24.42
N SER F 109 -5.16 4.88 -25.04
CA SER F 109 -3.98 4.44 -24.32
C SER F 109 -3.38 5.53 -23.45
N ILE F 110 -3.30 5.28 -22.15
CA ILE F 110 -2.71 6.23 -21.22
C ILE F 110 -1.21 6.13 -21.46
N GLU F 111 -0.47 7.23 -21.25
CA GLU F 111 0.97 7.19 -21.45
C GLU F 111 1.70 7.01 -20.12
N THR F 112 2.88 6.38 -20.19
CA THR F 112 3.70 6.13 -19.00
C THR F 112 3.80 7.32 -18.04
N ASN F 113 4.05 8.50 -18.60
CA ASN F 113 4.16 9.73 -17.82
C ASN F 113 2.81 10.17 -17.25
N ILE F 114 1.74 9.75 -17.92
CA ILE F 114 0.38 10.10 -17.50
C ILE F 114 -0.13 9.24 -16.35
N ARG F 115 0.07 7.93 -16.45
CA ARG F 115 -0.37 7.00 -15.43
C ARG F 115 0.30 7.24 -14.08
N VAL F 116 1.60 7.50 -14.10
CA VAL F 116 2.36 7.77 -12.88
C VAL F 116 1.79 9.01 -12.21
N ALA F 117 1.47 10.01 -13.04
CA ALA F 117 0.90 11.26 -12.57
C ALA F 117 -0.42 10.91 -11.88
N LEU F 118 -1.15 9.98 -12.48
CA LEU F 118 -2.44 9.52 -11.96
C LEU F 118 -2.32 8.75 -10.65
N GLU F 119 -1.36 7.82 -10.59
CA GLU F 119 -1.13 7.03 -9.39
C GLU F 119 -0.90 7.97 -8.22
N LYS F 120 -0.12 9.01 -8.46
CA LYS F 120 0.20 10.01 -7.43
C LYS F 120 -1.10 10.51 -6.78
N SER F 121 -2.02 10.96 -7.62
CA SER F 121 -3.31 11.48 -7.18
C SER F 121 -4.23 10.39 -6.59
N PHE F 122 -4.11 9.18 -7.13
CA PHE F 122 -4.93 8.05 -6.69
C PHE F 122 -4.59 7.67 -5.25
N LEU F 123 -3.32 7.37 -5.00
CA LEU F 123 -2.86 7.00 -3.67
C LEU F 123 -2.86 8.22 -2.76
N GLU F 124 -3.16 9.38 -3.35
CA GLU F 124 -3.26 10.65 -2.64
C GLU F 124 -4.61 10.59 -1.93
N ASN F 125 -5.59 10.04 -2.66
CA ASN F 125 -6.96 9.87 -2.20
C ASN F 125 -7.70 9.22 -3.37
N GLN F 126 -8.51 8.21 -3.08
CA GLN F 126 -9.24 7.53 -4.14
C GLN F 126 -10.75 7.81 -4.23
N LYS F 127 -11.24 8.73 -3.42
CA LYS F 127 -12.65 9.06 -3.46
C LYS F 127 -12.86 10.58 -3.64
N THR F 129 -14.33 14.24 -5.89
CA THR F 129 -15.62 14.76 -6.28
C THR F 129 -15.48 15.40 -7.67
N SER F 130 -16.61 15.76 -8.31
CA SER F 130 -16.54 16.31 -9.67
C SER F 130 -15.77 17.63 -9.68
N GLU F 131 -15.61 18.22 -8.50
CA GLU F 131 -14.86 19.47 -8.35
C GLU F 131 -13.42 19.09 -8.66
N GLU F 132 -13.05 17.86 -8.28
CA GLU F 132 -11.73 17.30 -8.55
C GLU F 132 -11.89 16.54 -9.87
N ILE F 133 -10.82 15.89 -10.33
CA ILE F 133 -10.83 15.13 -11.59
C ILE F 133 -10.96 16.07 -12.80
N THR F 134 -10.98 17.36 -12.51
CA THR F 134 -11.11 18.40 -13.52
C THR F 134 -9.81 19.18 -13.48
N MET F 135 -9.39 19.53 -12.26
CA MET F 135 -8.13 20.24 -12.05
C MET F 135 -7.11 19.26 -12.58
N ILE F 136 -7.47 17.97 -12.48
CA ILE F 136 -6.67 16.84 -12.91
C ILE F 136 -6.82 16.50 -14.39
N ALA F 137 -8.03 16.63 -14.93
CA ALA F 137 -8.28 16.33 -16.35
C ALA F 137 -7.51 17.28 -17.27
N ASP F 138 -7.78 18.57 -17.09
CA ASP F 138 -7.14 19.63 -17.85
C ASP F 138 -5.65 19.62 -17.55
N GLN F 139 -5.32 19.08 -16.38
CA GLN F 139 -3.94 18.99 -15.91
C GLN F 139 -3.04 18.26 -16.91
N LEU F 140 -3.58 17.20 -17.51
CA LEU F 140 -2.82 16.40 -18.47
C LEU F 140 -3.15 16.70 -19.93
N ASN F 141 -4.23 17.43 -20.16
CA ASN F 141 -4.66 17.77 -21.51
C ASN F 141 -5.11 16.49 -22.18
N MET F 142 -5.52 15.57 -21.32
CA MET F 142 -6.01 14.29 -21.82
C MET F 142 -7.46 14.49 -22.18
N GLU F 143 -8.38 14.38 -21.22
CA GLU F 143 -9.80 14.58 -21.48
C GLU F 143 -10.50 14.69 -20.12
N LYS F 144 -11.80 14.90 -20.10
CA LYS F 144 -12.54 14.93 -18.83
C LYS F 144 -13.12 13.57 -18.40
N GLU F 145 -13.76 12.87 -19.33
CA GLU F 145 -14.40 11.58 -18.99
C GLU F 145 -13.49 10.37 -18.85
N VAL F 146 -12.54 10.25 -19.78
CA VAL F 146 -11.60 9.14 -19.75
C VAL F 146 -10.87 9.08 -18.39
N ILE F 147 -10.93 10.20 -17.67
CA ILE F 147 -10.31 10.32 -16.37
C ILE F 147 -11.19 9.83 -15.23
N ARG F 148 -12.48 10.18 -15.24
CA ARG F 148 -13.39 9.73 -14.18
C ARG F 148 -13.51 8.21 -14.24
N VAL F 149 -13.29 7.67 -15.45
CA VAL F 149 -13.35 6.24 -15.71
C VAL F 149 -12.19 5.50 -15.05
N TRP F 150 -10.97 5.90 -15.40
CA TRP F 150 -9.75 5.30 -14.85
C TRP F 150 -9.86 5.22 -13.33
N PHE F 151 -10.30 6.32 -12.73
CA PHE F 151 -10.47 6.42 -11.29
C PHE F 151 -11.43 5.32 -10.84
N CYS F 152 -12.58 5.22 -11.50
CA CYS F 152 -13.59 4.22 -11.18
C CYS F 152 -13.08 2.79 -11.31
N ASN F 153 -12.29 2.53 -12.34
CA ASN F 153 -11.74 1.21 -12.61
C ASN F 153 -10.46 0.93 -11.83
N ARG F 154 -9.94 1.94 -11.15
CA ARG F 154 -8.73 1.79 -10.36
C ARG F 154 -9.17 1.57 -8.92
N ARG F 155 -10.32 2.15 -8.60
CA ARG F 155 -10.93 2.04 -7.28
C ARG F 155 -11.55 0.65 -7.25
N GLN F 156 -12.17 0.30 -8.37
CA GLN F 156 -12.82 -0.98 -8.58
C GLN F 156 -11.74 -2.06 -8.59
N LYS F 157 -10.53 -1.68 -9.01
CA LYS F 157 -9.40 -2.60 -9.08
C LYS F 157 -8.72 -2.84 -7.74
N GLU F 158 -8.67 -1.83 -6.89
CA GLU F 158 -8.05 -1.96 -5.58
C GLU F 158 -8.71 -3.08 -4.80
N LYS F 159 -9.99 -3.30 -5.08
CA LYS F 159 -10.77 -4.35 -4.43
C LYS F 159 -10.42 -5.75 -4.93
N ARG F 160 -9.58 -5.82 -5.97
CA ARG F 160 -9.19 -7.10 -6.53
C ARG F 160 -7.78 -7.57 -6.15
N ILE F 161 -6.84 -6.64 -6.06
CA ILE F 161 -5.47 -6.99 -5.68
C ILE F 161 -5.45 -7.15 -4.17
N ASN F 162 -6.15 -6.25 -3.48
CA ASN F 162 -6.23 -6.28 -2.03
C ASN F 162 -7.68 -6.49 -1.58
N PRO F 163 -7.87 -7.18 -0.44
CA PRO F 163 -9.13 -7.54 0.22
C PRO F 163 -10.15 -8.14 -0.74
N ALA G 16 -10.03 -5.12 24.30
CA ALA G 16 -9.15 -6.24 23.83
C ALA G 16 -7.88 -5.73 23.14
N ARG G 17 -7.76 -4.40 23.02
CA ARG G 17 -6.58 -3.78 22.42
C ARG G 17 -5.32 -4.41 23.02
N PRO G 18 -4.56 -5.10 22.16
CA PRO G 18 -3.33 -5.86 22.42
C PRO G 18 -2.09 -5.09 22.89
N TYR G 19 -2.19 -3.79 22.64
CA TYR G 19 -1.17 -2.82 22.89
C TYR G 19 -0.08 -2.75 21.83
N GLN G 20 -0.48 -2.44 20.58
CA GLN G 20 0.41 -2.09 19.45
C GLN G 20 1.32 -0.99 20.08
N GLY G 21 2.66 -1.12 19.91
CA GLY G 21 3.65 -0.27 20.61
C GLY G 21 4.64 -0.93 21.55
N VAL G 22 5.84 -0.38 21.63
CA VAL G 22 6.92 -0.92 22.44
C VAL G 22 7.12 -0.34 23.87
N ARG G 23 7.61 -1.17 24.80
CA ARG G 23 7.82 -0.74 26.19
C ARG G 23 9.27 -0.81 26.71
N VAL G 24 9.56 -0.02 27.74
CA VAL G 24 10.86 -0.01 28.35
C VAL G 24 10.86 -1.20 29.30
N LYS G 25 11.88 -2.05 29.19
CA LYS G 25 11.97 -3.21 30.06
C LYS G 25 12.63 -2.86 31.39
N GLU G 26 11.95 -3.24 32.47
CA GLU G 26 12.43 -2.99 33.83
C GLU G 26 12.71 -1.52 34.10
N PRO G 27 11.67 -0.67 33.99
CA PRO G 27 11.88 0.76 34.26
C PRO G 27 12.14 0.87 35.74
N VAL G 28 13.05 1.77 36.13
CA VAL G 28 13.39 1.95 37.54
C VAL G 28 12.16 2.11 38.43
N LYS G 29 11.06 2.61 37.84
CA LYS G 29 9.81 2.78 38.55
C LYS G 29 9.37 1.42 39.08
N GLU G 30 9.20 0.47 38.16
CA GLU G 30 8.77 -0.87 38.52
C GLU G 30 9.86 -1.64 39.25
N LEU G 31 11.13 -1.31 38.95
CA LEU G 31 12.26 -1.97 39.60
C LEU G 31 12.25 -1.69 41.11
N LEU G 32 11.72 -0.52 41.47
CA LEU G 32 11.63 -0.14 42.88
C LEU G 32 10.50 -0.85 43.59
N ARG G 33 9.27 -0.71 43.07
CA ARG G 33 8.10 -1.34 43.68
C ARG G 33 8.26 -2.86 43.81
N ARG G 34 9.28 -3.39 43.14
CA ARG G 34 9.57 -4.82 43.17
C ARG G 34 10.46 -5.16 44.37
N LYS G 35 11.55 -4.42 44.53
CA LYS G 35 12.48 -4.64 45.64
C LYS G 35 12.00 -3.96 46.94
N ARG G 36 10.68 -3.99 47.14
CA ARG G 36 10.04 -3.39 48.31
C ARG G 36 8.92 -4.29 48.85
N GLY G 37 8.34 -5.11 47.96
CA GLY G 37 7.27 -6.01 48.36
C GLY G 37 6.33 -6.34 47.23
N ALA H 16 4.39 -15.49 -9.31
CA ALA H 16 3.07 -15.08 -9.89
C ALA H 16 2.47 -13.89 -9.13
N ARG H 17 1.83 -12.99 -9.88
CA ARG H 17 1.20 -11.79 -9.31
C ARG H 17 -0.26 -12.02 -8.91
N PRO H 18 -0.82 -11.17 -8.04
CA PRO H 18 -2.22 -11.29 -7.58
C PRO H 18 -3.25 -11.10 -8.69
N TYR H 19 -2.73 -10.86 -9.90
CA TYR H 19 -3.51 -10.69 -11.11
C TYR H 19 -4.38 -9.43 -11.21
N GLN H 20 -3.70 -8.35 -11.62
CA GLN H 20 -4.30 -7.03 -11.89
C GLN H 20 -5.16 -7.08 -13.15
N GLY H 21 -6.40 -6.59 -13.03
CA GLY H 21 -7.28 -6.59 -14.19
C GLY H 21 -8.67 -7.13 -13.97
N VAL H 22 -9.40 -7.29 -15.06
CA VAL H 22 -10.78 -7.75 -15.04
C VAL H 22 -10.78 -9.18 -15.55
N ARG H 23 -11.53 -10.04 -14.88
CA ARG H 23 -11.60 -11.45 -15.27
C ARG H 23 -12.96 -11.81 -15.85
N VAL H 24 -12.96 -12.70 -16.84
CA VAL H 24 -14.22 -13.15 -17.45
C VAL H 24 -14.90 -14.07 -16.44
N LYS H 25 -15.87 -13.53 -15.71
CA LYS H 25 -16.59 -14.31 -14.72
C LYS H 25 -17.33 -15.46 -15.40
N GLU H 26 -16.77 -16.66 -15.28
CA GLU H 26 -17.34 -17.89 -15.84
C GLU H 26 -17.37 -17.98 -17.38
N PRO H 27 -16.19 -18.15 -18.00
CA PRO H 27 -16.13 -18.27 -19.46
C PRO H 27 -16.73 -19.60 -19.92
N VAL H 28 -17.04 -19.72 -21.22
CA VAL H 28 -17.63 -20.94 -21.76
C VAL H 28 -16.72 -22.15 -21.57
N LYS H 29 -15.42 -21.90 -21.53
CA LYS H 29 -14.43 -22.97 -21.33
C LYS H 29 -14.54 -23.48 -19.89
N GLU H 30 -14.89 -22.58 -18.98
CA GLU H 30 -15.02 -22.92 -17.58
C GLU H 30 -16.23 -23.80 -17.29
N LEU H 31 -17.35 -23.51 -17.95
CA LEU H 31 -18.54 -24.32 -17.73
C LEU H 31 -18.27 -25.70 -18.34
N LEU H 32 -17.63 -25.71 -19.50
CA LEU H 32 -17.28 -26.94 -20.19
C LEU H 32 -16.08 -27.63 -19.54
N ARG H 33 -15.74 -27.17 -18.32
CA ARG H 33 -14.65 -27.73 -17.54
C ARG H 33 -15.26 -28.35 -16.29
N ARG H 34 -16.10 -27.58 -15.61
CA ARG H 34 -16.75 -28.05 -14.38
C ARG H 34 -17.69 -29.20 -14.69
N LYS H 35 -18.25 -29.17 -15.89
CA LYS H 35 -19.15 -30.21 -16.36
C LYS H 35 -18.45 -31.56 -16.43
N ARG H 36 -17.21 -31.53 -16.91
CA ARG H 36 -16.40 -32.73 -17.09
C ARG H 36 -15.45 -33.10 -15.96
N GLY H 37 -14.94 -32.09 -15.25
CA GLY H 37 -13.99 -32.31 -14.17
C GLY H 37 -12.68 -31.58 -14.49
N HIS H 38 -11.65 -31.86 -13.70
CA HIS H 38 -10.31 -31.26 -13.89
C HIS H 38 -10.19 -29.81 -13.41
#